data_3NU0
#
_entry.id   3NU0
#
_cell.length_a   84.395
_cell.length_b   84.395
_cell.length_c   78.193
_cell.angle_alpha   90.00
_cell.angle_beta   90.00
_cell.angle_gamma   120.00
#
_symmetry.space_group_name_H-M   'H 3'
#
loop_
_entity.id
_entity.type
_entity.pdbx_description
1 polymer 'Dihydrofolate reducatase'
2 non-polymer 'NADPH DIHYDRO-NICOTINAMIDE-ADENINE-DINUCLEOTIDE PHOSPHATE'
3 non-polymer '(2S)-2-(5-{[(2-amino-4-oxo-3,4-dihydro[1]benzothieno[2,3-d]pyrimidin-5-yl)methyl]amino}-1-oxo-1,3-dihydro-2H-isoindol-2-yl)pentanedioic acid'
4 non-polymer 'SULFATE ION'
5 water water
#
_entity_poly.entity_id   1
_entity_poly.type   'polypeptide(L)'
_entity_poly.pdbx_seq_one_letter_code
;VGSLNCIVAVSQNMGIGKNGDLPWPPLRNEFRYFQRMTTTSSVEGKQNLVIMGKKTWFSIPEKNRPLKGRINLVLSRELK
EPPQGAHFLSRSLDDALKLTEQPELANKVDMVWIVGGSSVYKEAMNHPGHLKLFVTRIMQDFESDTFFPEIDLEKYKLLP
EYPGVLSDVQEEKGIKYKFEVYEKND
;
_entity_poly.pdbx_strand_id   A
#
# COMPACT_ATOMS: atom_id res chain seq x y z
N VAL A 1 9.24 -2.07 -16.25
CA VAL A 1 8.58 -1.73 -14.92
C VAL A 1 9.53 -2.18 -13.80
N GLY A 2 9.59 -1.42 -12.72
CA GLY A 2 10.45 -1.76 -11.58
C GLY A 2 9.75 -2.68 -10.54
N SER A 3 10.13 -2.41 -9.30
CA SER A 3 9.78 -3.35 -8.20
C SER A 3 8.28 -3.34 -7.87
N LEU A 4 7.83 -4.46 -7.32
CA LEU A 4 6.45 -4.61 -6.77
C LEU A 4 6.55 -4.53 -5.27
N ASN A 5 5.63 -3.77 -4.67
CA ASN A 5 5.69 -3.39 -3.23
C ASN A 5 4.30 -3.31 -2.69
N CYS A 6 4.12 -3.63 -1.43
CA CYS A 6 2.88 -3.26 -0.68
C CYS A 6 3.23 -2.27 0.35
N ILE A 7 2.33 -1.38 0.70
CA ILE A 7 2.51 -0.47 1.85
C ILE A 7 1.22 -0.42 2.66
N VAL A 8 1.39 -0.40 4.00
CA VAL A 8 0.23 -0.45 4.90
C VAL A 8 0.67 0.16 6.22
N ALA A 9 -0.30 0.63 6.98
CA ALA A 9 -0.13 0.94 8.42
C ALA A 9 -1.11 0.06 9.17
N VAL A 10 -0.67 -0.62 10.23
N VAL A 10 -0.67 -0.64 10.23
CA VAL A 10 -1.47 -1.70 10.84
CA VAL A 10 -1.49 -1.67 10.89
C VAL A 10 -1.34 -1.69 12.37
C VAL A 10 -1.36 -1.50 12.38
N SER A 11 -2.47 -1.79 13.08
CA SER A 11 -2.41 -1.80 14.53
C SER A 11 -1.89 -3.17 15.04
N GLN A 12 -1.71 -3.25 16.39
N GLN A 12 -1.71 -3.17 16.39
CA GLN A 12 -1.25 -4.55 16.95
CA GLN A 12 -1.23 -4.38 17.02
C GLN A 12 -2.17 -5.72 16.78
C GLN A 12 -2.14 -5.59 16.82
N ASN A 13 -3.46 -5.36 16.77
CA ASN A 13 -4.47 -6.36 16.51
C ASN A 13 -4.75 -6.56 14.98
N MET A 14 -3.77 -6.15 14.13
N MET A 14 -3.78 -6.06 14.16
CA MET A 14 -3.82 -6.38 12.65
CA MET A 14 -3.75 -6.22 12.68
C MET A 14 -4.87 -5.50 11.97
C MET A 14 -4.86 -5.47 11.98
N GLY A 15 -5.40 -4.46 12.65
CA GLY A 15 -6.44 -3.64 12.04
C GLY A 15 -5.87 -2.64 11.02
N ILE A 16 -6.60 -2.44 9.91
CA ILE A 16 -6.22 -1.41 8.94
C ILE A 16 -7.34 -0.46 8.62
N GLY A 17 -8.59 -0.78 9.02
CA GLY A 17 -9.78 0.07 8.67
C GLY A 17 -10.93 -0.13 9.64
N LYS A 18 -11.76 0.92 9.68
CA LYS A 18 -13.00 0.89 10.48
C LYS A 18 -13.93 1.88 9.78
N ASN A 19 -15.11 1.37 9.44
CA ASN A 19 -16.19 2.22 8.87
C ASN A 19 -15.71 3.08 7.71
N GLY A 20 -14.82 2.53 6.85
CA GLY A 20 -14.47 3.20 5.64
C GLY A 20 -13.30 4.16 5.86
N ASP A 21 -12.70 4.23 7.01
CA ASP A 21 -11.54 5.07 7.25
C ASP A 21 -10.58 4.27 8.11
N LEU A 22 -9.56 4.96 8.61
CA LEU A 22 -8.54 4.30 9.42
C LEU A 22 -9.03 4.08 10.82
N PRO A 23 -8.47 3.15 11.55
CA PRO A 23 -8.93 2.89 12.97
C PRO A 23 -8.47 3.98 13.94
N TRP A 24 -7.41 4.68 13.59
CA TRP A 24 -6.74 5.70 14.45
C TRP A 24 -6.95 7.07 13.89
N PRO A 25 -6.83 8.10 14.81
CA PRO A 25 -6.91 9.43 14.26
C PRO A 25 -5.73 9.78 13.32
N PRO A 26 -5.80 10.86 12.53
CA PRO A 26 -4.77 11.10 11.51
C PRO A 26 -3.43 11.32 12.13
N LEU A 27 -2.43 10.66 11.54
CA LEU A 27 -1.00 10.74 11.94
C LEU A 27 -0.33 11.38 10.79
N ARG A 28 -0.18 12.72 10.88
CA ARG A 28 0.20 13.47 9.67
C ARG A 28 1.57 13.09 9.11
N ASN A 29 2.53 12.84 9.99
CA ASN A 29 3.83 12.43 9.45
C ASN A 29 3.82 10.99 8.87
N GLU A 30 2.96 10.14 9.40
CA GLU A 30 2.81 8.78 8.82
C GLU A 30 2.20 8.88 7.43
N PHE A 31 1.19 9.78 7.27
CA PHE A 31 0.71 10.03 5.93
C PHE A 31 1.79 10.56 4.96
N ARG A 32 2.65 11.44 5.48
CA ARG A 32 3.71 11.94 4.62
C ARG A 32 4.76 10.90 4.24
N TYR A 33 4.98 9.95 5.16
CA TYR A 33 5.81 8.76 4.88
C TYR A 33 5.17 7.97 3.70
N PHE A 34 3.88 7.67 3.83
CA PHE A 34 3.20 6.99 2.74
C PHE A 34 3.38 7.76 1.37
N GLN A 35 3.18 9.06 1.42
CA GLN A 35 3.34 9.86 0.17
C GLN A 35 4.75 9.77 -0.37
N ARG A 36 5.76 9.87 0.52
CA ARG A 36 7.17 9.86 0.11
C ARG A 36 7.47 8.52 -0.52
N MET A 37 7.10 7.40 0.18
CA MET A 37 7.44 6.10 -0.35
C MET A 37 6.82 5.83 -1.68
N THR A 38 5.50 6.10 -1.79
CA THR A 38 4.77 5.79 -3.00
C THR A 38 5.07 6.72 -4.21
N THR A 39 5.40 7.97 -3.88
CA THR A 39 5.66 8.89 -5.00
C THR A 39 7.12 8.85 -5.48
N THR A 40 8.07 8.62 -4.60
CA THR A 40 9.50 8.82 -5.02
C THR A 40 9.92 7.71 -5.98
N SER A 41 10.42 8.14 -7.15
CA SER A 41 10.91 7.20 -8.19
C SER A 41 12.37 7.58 -8.43
N SER A 42 13.28 6.60 -8.45
CA SER A 42 14.70 6.93 -8.83
C SER A 42 14.92 7.06 -10.38
N VAL A 43 13.94 6.59 -11.17
CA VAL A 43 14.10 6.41 -12.61
C VAL A 43 13.62 7.62 -13.41
N GLU A 44 14.50 8.18 -14.22
CA GLU A 44 14.13 9.42 -14.88
C GLU A 44 13.06 9.27 -15.93
N GLY A 45 12.14 10.23 -15.89
CA GLY A 45 10.96 10.26 -16.75
C GLY A 45 9.90 9.22 -16.49
N LYS A 46 9.91 8.64 -15.26
CA LYS A 46 8.88 7.62 -14.90
C LYS A 46 8.23 8.15 -13.63
N GLN A 47 7.02 7.60 -13.40
CA GLN A 47 6.35 7.74 -12.12
C GLN A 47 5.97 6.32 -11.63
N ASN A 48 5.61 6.29 -10.34
CA ASN A 48 5.17 5.02 -9.73
C ASN A 48 3.65 4.87 -9.96
N LEU A 49 3.21 3.66 -9.96
CA LEU A 49 1.78 3.31 -10.11
C LEU A 49 1.30 2.82 -8.75
N VAL A 50 0.12 3.29 -8.34
CA VAL A 50 -0.60 2.76 -7.16
C VAL A 50 -1.78 1.91 -7.61
N ILE A 51 -1.95 0.73 -7.02
CA ILE A 51 -3.03 -0.18 -7.31
C ILE A 51 -3.86 -0.31 -6.01
N MET A 52 -5.18 -0.10 -6.08
CA MET A 52 -6.04 -0.15 -4.86
C MET A 52 -7.38 -0.71 -5.20
N GLY A 53 -8.05 -1.41 -4.26
CA GLY A 53 -9.45 -1.73 -4.42
C GLY A 53 -10.33 -0.49 -4.37
N LYS A 54 -11.60 -0.78 -4.73
CA LYS A 54 -12.57 0.31 -4.89
C LYS A 54 -12.87 1.06 -3.59
N LYS A 55 -12.98 0.27 -2.49
CA LYS A 55 -13.32 0.92 -1.21
C LYS A 55 -12.15 1.74 -0.73
N THR A 56 -10.92 1.24 -0.97
CA THR A 56 -9.73 2.07 -0.61
C THR A 56 -9.68 3.39 -1.40
N TRP A 57 -9.96 3.32 -2.70
CA TRP A 57 -10.06 4.58 -3.49
C TRP A 57 -11.00 5.58 -2.81
N PHE A 58 -12.24 5.13 -2.52
CA PHE A 58 -13.26 6.04 -1.96
C PHE A 58 -12.96 6.36 -0.53
N SER A 59 -12.05 5.68 0.16
CA SER A 59 -11.61 6.08 1.52
C SER A 59 -10.65 7.25 1.55
N ILE A 60 -10.09 7.61 0.38
CA ILE A 60 -9.16 8.77 0.32
C ILE A 60 -10.13 9.93 0.10
N PRO A 61 -9.97 10.98 0.89
CA PRO A 61 -10.87 12.13 0.67
C PRO A 61 -10.73 12.63 -0.78
N GLU A 62 -11.89 12.96 -1.35
CA GLU A 62 -11.92 13.38 -2.76
C GLU A 62 -10.92 14.53 -3.04
N LYS A 63 -10.68 15.39 -2.10
CA LYS A 63 -9.65 16.38 -2.32
C LYS A 63 -8.30 15.86 -2.71
N ASN A 64 -7.92 14.72 -2.17
CA ASN A 64 -6.59 14.18 -2.28
C ASN A 64 -6.56 13.10 -3.31
N ARG A 65 -7.60 12.94 -4.08
CA ARG A 65 -7.67 11.98 -5.20
C ARG A 65 -7.58 12.75 -6.55
N PRO A 66 -6.97 12.13 -7.58
CA PRO A 66 -6.02 10.98 -7.42
C PRO A 66 -4.82 11.37 -6.56
N LEU A 67 -4.18 10.31 -6.06
CA LEU A 67 -2.87 10.57 -5.37
C LEU A 67 -1.85 11.25 -6.33
N LYS A 68 -1.50 12.47 -5.99
CA LYS A 68 -0.79 13.21 -7.06
C LYS A 68 0.57 12.71 -7.35
N GLY A 69 0.95 12.80 -8.63
CA GLY A 69 2.33 12.44 -8.99
C GLY A 69 2.50 10.95 -9.12
N ARG A 70 1.44 10.17 -8.98
CA ARG A 70 1.39 8.72 -9.18
C ARG A 70 0.35 8.34 -10.15
N ILE A 71 0.42 7.29 -10.92
CA ILE A 71 -0.61 6.81 -11.74
C ILE A 71 -1.56 6.02 -10.84
N ASN A 72 -2.88 6.25 -10.90
CA ASN A 72 -3.84 5.64 -9.94
C ASN A 72 -4.63 4.64 -10.65
N LEU A 73 -4.60 3.36 -10.28
CA LEU A 73 -5.35 2.27 -10.82
C LEU A 73 -6.29 1.67 -9.82
N VAL A 74 -7.54 1.58 -10.10
CA VAL A 74 -8.53 0.96 -9.21
C VAL A 74 -8.95 -0.36 -9.67
N LEU A 75 -9.11 -1.35 -8.77
CA LEU A 75 -9.60 -2.66 -9.06
C LEU A 75 -11.07 -2.75 -8.74
N SER A 76 -11.88 -3.17 -9.73
CA SER A 76 -13.31 -3.40 -9.53
C SER A 76 -13.82 -4.25 -10.67
N ARG A 77 -14.74 -5.19 -10.37
CA ARG A 77 -15.47 -5.91 -11.42
C ARG A 77 -16.82 -5.27 -11.66
N GLU A 78 -17.36 -4.41 -10.80
CA GLU A 78 -18.68 -3.78 -11.00
C GLU A 78 -18.58 -2.51 -11.79
N LEU A 79 -17.57 -1.69 -11.59
CA LEU A 79 -17.41 -0.44 -12.35
C LEU A 79 -17.17 -0.72 -13.82
N LYS A 80 -17.67 0.22 -14.60
CA LYS A 80 -17.50 0.04 -16.07
C LYS A 80 -16.40 0.92 -16.62
N GLU A 81 -15.93 1.89 -15.83
CA GLU A 81 -14.90 2.79 -16.18
C GLU A 81 -14.18 3.33 -14.90
N PRO A 82 -13.00 3.91 -15.02
CA PRO A 82 -12.33 4.36 -13.80
C PRO A 82 -13.23 5.36 -13.12
N PRO A 83 -13.23 5.41 -11.80
CA PRO A 83 -13.96 6.48 -11.08
C PRO A 83 -13.46 7.86 -11.47
N GLN A 84 -14.27 8.92 -11.30
N GLN A 84 -14.26 8.91 -11.21
CA GLN A 84 -13.82 10.24 -11.59
CA GLN A 84 -13.88 10.29 -11.23
C GLN A 84 -12.54 10.41 -10.79
C GLN A 84 -12.50 10.61 -10.61
N GLY A 85 -11.57 11.03 -11.46
CA GLY A 85 -10.21 11.30 -11.01
C GLY A 85 -9.24 10.11 -11.07
N ALA A 86 -9.66 8.88 -11.28
CA ALA A 86 -8.74 7.77 -11.34
C ALA A 86 -8.27 7.67 -12.80
N HIS A 87 -7.21 6.93 -13.02
CA HIS A 87 -6.62 6.85 -14.40
C HIS A 87 -6.87 5.57 -15.02
N PHE A 88 -6.89 4.45 -14.32
CA PHE A 88 -7.12 3.18 -14.86
C PHE A 88 -8.07 2.27 -14.06
N LEU A 89 -8.69 1.27 -14.62
CA LEU A 89 -9.56 0.30 -13.99
C LEU A 89 -9.16 -1.05 -14.41
N SER A 90 -8.95 -2.00 -13.54
CA SER A 90 -8.70 -3.37 -13.90
C SER A 90 -9.58 -4.35 -13.17
N ARG A 91 -9.82 -5.54 -13.68
CA ARG A 91 -10.72 -6.51 -13.13
C ARG A 91 -10.09 -7.57 -12.27
N SER A 92 -8.75 -7.54 -12.18
CA SER A 92 -8.00 -8.47 -11.38
C SER A 92 -6.62 -7.87 -11.22
N LEU A 93 -6.01 -8.43 -10.13
CA LEU A 93 -4.62 -7.99 -9.94
C LEU A 93 -3.67 -8.42 -11.12
N ASP A 94 -3.94 -9.63 -11.57
CA ASP A 94 -3.14 -10.18 -12.75
C ASP A 94 -3.31 -9.24 -13.95
N ASP A 95 -4.57 -8.79 -14.19
CA ASP A 95 -4.80 -7.87 -15.28
C ASP A 95 -4.08 -6.58 -15.08
N ALA A 96 -4.12 -6.03 -13.83
CA ALA A 96 -3.48 -4.76 -13.62
C ALA A 96 -1.96 -4.86 -13.88
N LEU A 97 -1.36 -5.92 -13.34
CA LEU A 97 0.11 -6.02 -13.49
C LEU A 97 0.45 -6.25 -15.00
N LYS A 98 -0.39 -6.97 -15.71
CA LYS A 98 -0.15 -7.15 -17.19
C LYS A 98 -0.26 -5.87 -17.95
N LEU A 99 -1.14 -4.96 -17.48
CA LEU A 99 -1.35 -3.66 -18.08
C LEU A 99 -0.14 -2.78 -18.02
N THR A 100 0.65 -2.97 -16.96
CA THR A 100 1.86 -2.14 -16.76
C THR A 100 2.86 -2.41 -17.86
N GLU A 101 2.73 -3.55 -18.54
CA GLU A 101 3.58 -3.78 -19.71
C GLU A 101 2.98 -3.66 -21.09
N GLN A 102 1.74 -3.21 -21.19
CA GLN A 102 1.23 -2.72 -22.48
C GLN A 102 1.98 -1.45 -22.91
N PRO A 103 1.92 -1.10 -24.23
CA PRO A 103 2.53 0.10 -24.82
C PRO A 103 2.31 1.38 -24.02
N GLU A 104 1.06 1.66 -23.66
CA GLU A 104 0.70 2.84 -22.85
C GLU A 104 1.65 3.00 -21.63
N LEU A 105 1.88 1.93 -20.87
CA LEU A 105 2.49 2.07 -19.54
C LEU A 105 3.93 1.61 -19.39
N ALA A 106 4.28 0.66 -20.26
CA ALA A 106 5.63 0.02 -20.35
C ALA A 106 6.85 0.89 -20.02
N ASN A 107 6.94 2.09 -20.59
CA ASN A 107 8.07 2.95 -20.27
C ASN A 107 7.75 4.15 -19.41
N LYS A 108 6.51 4.17 -18.84
CA LYS A 108 6.06 5.24 -17.95
C LYS A 108 6.15 4.87 -16.46
N VAL A 109 6.05 3.58 -16.20
CA VAL A 109 5.84 3.08 -14.77
C VAL A 109 7.23 2.64 -14.15
N ASP A 110 7.59 3.16 -12.98
CA ASP A 110 8.77 2.75 -12.23
C ASP A 110 8.41 1.67 -11.20
N MET A 111 8.06 2.06 -10.00
CA MET A 111 7.64 1.07 -8.99
C MET A 111 6.13 0.91 -9.04
N VAL A 112 5.67 -0.28 -8.67
CA VAL A 112 4.22 -0.58 -8.45
C VAL A 112 4.00 -0.74 -6.95
N TRP A 113 3.05 0.04 -6.40
CA TRP A 113 2.71 0.03 -4.98
C TRP A 113 1.27 -0.42 -4.83
N ILE A 114 1.08 -1.54 -4.17
CA ILE A 114 -0.23 -2.05 -3.74
C ILE A 114 -0.60 -1.41 -2.43
N VAL A 115 -1.69 -0.64 -2.44
CA VAL A 115 -2.08 0.15 -1.30
C VAL A 115 -3.40 -0.29 -0.65
N GLY A 116 -3.77 -1.52 -0.91
CA GLY A 116 -4.88 -2.12 -0.20
C GLY A 116 -6.20 -2.24 -0.97
N GLY A 117 -7.27 -2.83 -0.49
CA GLY A 117 -7.40 -3.28 0.92
C GLY A 117 -7.02 -4.71 1.09
N SER A 118 -7.72 -5.39 1.99
CA SER A 118 -7.26 -6.69 2.52
C SER A 118 -7.07 -7.74 1.43
N SER A 119 -8.05 -7.90 0.53
N SER A 119 -8.06 -7.86 0.54
CA SER A 119 -7.95 -8.95 -0.45
CA SER A 119 -8.02 -8.87 -0.50
C SER A 119 -6.83 -8.75 -1.46
C SER A 119 -6.86 -8.74 -1.43
N VAL A 120 -6.57 -7.49 -1.83
CA VAL A 120 -5.47 -7.32 -2.80
C VAL A 120 -4.10 -7.51 -2.07
N TYR A 121 -4.02 -7.02 -0.81
CA TYR A 121 -2.75 -7.32 -0.03
C TYR A 121 -2.56 -8.82 0.06
N LYS A 122 -3.62 -9.61 0.33
CA LYS A 122 -3.45 -11.06 0.51
C LYS A 122 -2.98 -11.72 -0.80
N GLU A 123 -3.63 -11.32 -1.90
CA GLU A 123 -3.27 -11.99 -3.18
C GLU A 123 -1.85 -11.57 -3.57
N ALA A 124 -1.52 -10.29 -3.41
CA ALA A 124 -0.15 -9.89 -3.73
C ALA A 124 0.95 -10.58 -2.92
N MET A 125 0.67 -10.71 -1.63
CA MET A 125 1.62 -11.29 -0.68
C MET A 125 1.86 -12.75 -0.98
N ASN A 126 0.97 -13.41 -1.70
N ASN A 126 0.92 -13.41 -1.66
CA ASN A 126 1.24 -14.77 -2.08
CA ASN A 126 1.09 -14.79 -2.12
C ASN A 126 1.55 -14.89 -3.58
C ASN A 126 1.55 -14.89 -3.59
N HIS A 127 1.78 -13.76 -4.26
CA HIS A 127 2.09 -13.68 -5.76
C HIS A 127 3.55 -14.22 -5.72
N PRO A 128 3.87 -15.29 -6.49
CA PRO A 128 5.32 -15.76 -6.46
C PRO A 128 6.13 -14.62 -6.99
N GLY A 129 7.39 -14.45 -6.55
CA GLY A 129 8.24 -13.50 -7.08
C GLY A 129 8.85 -12.56 -5.99
N HIS A 130 9.60 -11.58 -6.47
CA HIS A 130 10.29 -10.63 -5.57
C HIS A 130 9.29 -9.55 -5.17
N LEU A 131 9.12 -9.36 -3.83
CA LEU A 131 8.08 -8.42 -3.35
C LEU A 131 8.59 -7.87 -2.05
N LYS A 132 8.37 -6.60 -1.81
CA LYS A 132 8.66 -5.96 -0.50
C LYS A 132 7.41 -5.46 0.18
N LEU A 133 7.35 -5.45 1.49
CA LEU A 133 6.20 -4.93 2.28
C LEU A 133 6.72 -3.81 3.14
N PHE A 134 6.19 -2.65 3.00
CA PHE A 134 6.51 -1.49 3.85
C PHE A 134 5.41 -1.35 4.87
N VAL A 135 5.70 -1.78 6.10
CA VAL A 135 4.66 -1.92 7.14
C VAL A 135 4.95 -0.96 8.26
N THR A 136 3.95 -0.10 8.56
CA THR A 136 4.06 0.76 9.75
C THR A 136 3.34 0.05 10.87
N ARG A 137 4.04 -0.25 11.92
CA ARG A 137 3.46 -0.89 13.10
C ARG A 137 2.98 0.17 14.06
N ILE A 138 1.64 0.30 14.17
N ILE A 138 1.66 0.41 14.10
CA ILE A 138 0.93 1.14 15.16
CA ILE A 138 1.05 1.38 15.03
C ILE A 138 0.88 0.28 16.45
C ILE A 138 0.89 0.59 16.31
N MET A 139 1.56 0.79 17.44
N MET A 139 1.61 0.90 17.40
CA MET A 139 1.89 -0.01 18.61
CA MET A 139 1.77 -0.03 18.59
C MET A 139 0.81 0.14 19.70
C MET A 139 0.78 0.15 19.69
N GLN A 140 -0.43 0.10 19.29
CA GLN A 140 -1.63 0.06 20.19
C GLN A 140 -2.66 -0.81 19.51
N ASP A 141 -3.65 -1.33 20.23
N ASP A 141 -3.70 -1.27 20.29
CA ASP A 141 -4.84 -1.94 19.65
CA ASP A 141 -4.90 -1.87 19.70
C ASP A 141 -5.83 -0.86 19.31
C ASP A 141 -5.88 -0.80 19.37
N PHE A 142 -6.52 -1.02 18.15
CA PHE A 142 -7.60 -0.11 17.76
C PHE A 142 -8.72 -0.96 17.20
N GLU A 143 -9.97 -0.70 17.65
CA GLU A 143 -11.18 -1.34 17.11
C GLU A 143 -11.14 -1.15 15.55
N SER A 144 -11.38 -2.27 14.93
CA SER A 144 -11.25 -2.30 13.44
C SER A 144 -12.30 -3.23 12.84
N ASP A 145 -12.67 -3.01 11.58
CA ASP A 145 -13.51 -3.92 10.89
C ASP A 145 -12.90 -4.49 9.59
N THR A 146 -11.60 -4.15 9.38
CA THR A 146 -10.82 -4.56 8.19
C THR A 146 -9.41 -4.87 8.70
N PHE A 147 -8.83 -5.96 8.25
CA PHE A 147 -7.59 -6.48 8.87
C PHE A 147 -6.54 -6.78 7.80
N PHE A 148 -5.27 -6.63 8.18
CA PHE A 148 -4.14 -7.04 7.29
C PHE A 148 -3.95 -8.54 7.30
N PRO A 149 -3.67 -9.15 6.16
CA PRO A 149 -3.47 -10.60 6.14
C PRO A 149 -2.18 -10.97 6.87
N GLU A 150 -2.07 -12.26 7.19
CA GLU A 150 -0.89 -12.79 7.84
C GLU A 150 0.35 -12.61 7.02
N ILE A 151 1.42 -12.12 7.66
CA ILE A 151 2.73 -12.11 7.04
C ILE A 151 3.49 -13.38 7.39
N ASP A 152 3.75 -14.18 6.41
CA ASP A 152 4.50 -15.48 6.63
C ASP A 152 5.97 -15.12 6.71
N LEU A 153 6.51 -15.18 7.93
CA LEU A 153 7.90 -14.83 8.17
C LEU A 153 8.86 -15.90 7.73
N GLU A 154 8.38 -17.04 7.32
N GLU A 154 8.36 -17.07 7.36
CA GLU A 154 9.30 -17.99 6.70
CA GLU A 154 9.28 -18.03 6.75
C GLU A 154 9.69 -17.68 5.25
C GLU A 154 9.85 -17.42 5.43
N LYS A 155 9.00 -16.70 4.67
CA LYS A 155 9.36 -16.17 3.35
C LYS A 155 9.68 -14.67 3.42
N TYR A 156 8.98 -13.89 4.23
CA TYR A 156 9.24 -12.44 4.34
C TYR A 156 10.26 -12.12 5.42
N LYS A 157 11.43 -11.71 5.01
CA LYS A 157 12.49 -11.34 5.97
C LYS A 157 12.35 -9.89 6.35
N LEU A 158 12.31 -9.63 7.62
CA LEU A 158 12.37 -8.20 8.16
C LEU A 158 13.75 -7.70 7.93
N LEU A 159 13.93 -6.65 7.19
CA LEU A 159 15.26 -6.16 6.84
C LEU A 159 15.82 -5.36 8.00
N PRO A 160 17.15 -5.53 8.30
CA PRO A 160 17.75 -4.84 9.47
C PRO A 160 18.06 -3.42 9.27
N GLU A 161 17.89 -2.91 8.04
CA GLU A 161 18.05 -1.48 7.70
C GLU A 161 17.48 -1.26 6.30
N TYR A 162 17.09 -0.05 6.00
CA TYR A 162 16.71 0.30 4.64
C TYR A 162 16.93 1.79 4.47
N PRO A 163 17.64 2.19 3.38
CA PRO A 163 17.99 3.63 3.23
C PRO A 163 16.74 4.47 3.19
N GLY A 164 16.73 5.54 4.00
CA GLY A 164 15.55 6.44 3.97
C GLY A 164 14.35 6.08 4.83
N VAL A 165 14.51 4.98 5.58
CA VAL A 165 13.46 4.58 6.54
C VAL A 165 14.04 4.74 7.91
N LEU A 166 13.38 5.59 8.71
CA LEU A 166 13.80 5.81 10.11
C LEU A 166 13.60 4.56 10.97
N SER A 167 14.53 4.24 11.84
CA SER A 167 14.52 2.99 12.57
C SER A 167 14.00 3.12 13.96
N ASP A 168 13.96 4.36 14.49
CA ASP A 168 13.53 4.59 15.89
C ASP A 168 11.98 4.67 16.04
N VAL A 169 11.52 4.73 17.25
CA VAL A 169 10.07 4.81 17.51
C VAL A 169 9.62 6.24 17.19
N GLN A 170 8.52 6.38 16.49
CA GLN A 170 7.81 7.61 16.15
C GLN A 170 6.67 7.76 17.05
N GLU A 171 6.18 9.04 17.23
CA GLU A 171 5.00 9.25 18.08
C GLU A 171 4.28 10.46 17.61
N GLU A 172 2.97 10.29 17.36
CA GLU A 172 2.07 11.46 16.99
C GLU A 172 0.79 11.23 17.70
N LYS A 173 0.27 12.31 18.29
CA LYS A 173 -1.09 12.25 18.94
C LYS A 173 -1.13 11.20 20.06
N GLY A 174 0.04 11.02 20.71
CA GLY A 174 0.16 10.05 21.78
C GLY A 174 0.21 8.56 21.35
N ILE A 175 0.39 8.34 20.01
CA ILE A 175 0.36 6.96 19.41
C ILE A 175 1.81 6.69 18.88
N LYS A 176 2.46 5.73 19.52
CA LYS A 176 3.84 5.29 19.10
C LYS A 176 3.66 4.30 17.92
N TYR A 177 4.61 4.46 17.00
CA TYR A 177 4.62 3.53 15.84
C TYR A 177 6.07 3.43 15.33
N LYS A 178 6.32 2.40 14.53
CA LYS A 178 7.66 2.20 13.96
C LYS A 178 7.55 1.63 12.55
N PHE A 179 8.53 1.92 11.76
CA PHE A 179 8.55 1.53 10.32
C PHE A 179 9.32 0.25 10.13
N GLU A 180 8.87 -0.63 9.28
CA GLU A 180 9.50 -1.92 8.95
C GLU A 180 9.47 -2.13 7.46
N VAL A 181 10.49 -2.85 6.94
CA VAL A 181 10.48 -3.23 5.52
C VAL A 181 10.76 -4.73 5.52
N TYR A 182 9.91 -5.49 4.83
CA TYR A 182 10.04 -6.94 4.65
C TYR A 182 10.34 -7.21 3.21
N GLU A 183 11.04 -8.30 2.90
CA GLU A 183 11.35 -8.72 1.54
C GLU A 183 11.26 -10.19 1.38
N LYS A 184 10.57 -10.67 0.36
CA LYS A 184 10.61 -12.10 -0.05
C LYS A 184 11.14 -12.17 -1.50
N ASN A 185 11.57 -13.39 -1.88
CA ASN A 185 11.83 -13.74 -3.33
C ASN A 185 11.64 -15.17 -3.48
N ASP A 186 10.51 -15.55 -4.04
CA ASP A 186 10.19 -17.03 -4.19
C ASP A 186 9.51 -17.21 -5.56
#